data_3HCH
#
_entry.id   3HCH
#
_cell.length_a   154.879
_cell.length_b   154.879
_cell.length_c   154.879
_cell.angle_alpha   90.00
_cell.angle_beta   90.00
_cell.angle_gamma   90.00
#
_symmetry.space_group_name_H-M   'P 43 3 2'
#
loop_
_entity.id
_entity.type
_entity.pdbx_description
1 polymer 'Peptide methionine sulfoxide reductase msrA/msrB'
2 non-polymer (2S)-2-(acetylamino)-N-methyl-4-[(R)-methylsulfinyl]butanamide
3 non-polymer 'CITRIC ACID'
4 non-polymer 'HEXAETHYLENE GLYCOL'
5 non-polymer 2-AMINO-2-HYDROXYMETHYL-PROPANE-1,3-DIOL
6 water water
#
_entity_poly.entity_id   1
_entity_poly.type   'polypeptide(L)'
_entity_poly.pdbx_seq_one_letter_code
;TYKKPSDAELKRTLTEEQYQVTQNSATEYAFSHEYDHLFKPGIYVDVVSGEPLFSSADKYDSGSGWPSFTRPIDAKSVTE
HDDFSYNMRRTEVRSHAADSHLGHVFPDGPRDKGGLRYSINGASLKFIPLEQMDAAGYGALKSKVK
;
_entity_poly.pdbx_strand_id   A,B
#
# COMPACT_ATOMS: atom_id res chain seq x y z
N TYR A 2 -1.70 -12.94 -2.74
CA TYR A 2 -1.69 -13.35 -4.19
C TYR A 2 -3.07 -13.31 -4.88
N LYS A 3 -3.92 -12.41 -4.42
CA LYS A 3 -5.35 -12.36 -4.76
C LYS A 3 -5.89 -11.00 -4.32
N LYS A 4 -5.21 -9.92 -4.79
CA LYS A 4 -5.54 -8.52 -4.43
C LYS A 4 -5.96 -7.65 -5.63
N PRO A 5 -7.12 -6.97 -5.51
CA PRO A 5 -7.58 -6.00 -6.50
C PRO A 5 -6.67 -4.77 -6.63
N SER A 6 -6.88 -4.00 -7.70
CA SER A 6 -6.14 -2.77 -7.88
C SER A 6 -6.55 -1.76 -6.82
N ASP A 7 -5.65 -0.85 -6.48
CA ASP A 7 -5.93 0.17 -5.48
C ASP A 7 -7.17 1.00 -5.80
N ALA A 8 -7.42 1.24 -7.09
CA ALA A 8 -8.57 2.04 -7.52
C ALA A 8 -9.90 1.33 -7.25
N GLU A 9 -9.94 0.03 -7.54
CA GLU A 9 -11.06 -0.81 -7.12
C GLU A 9 -11.28 -0.78 -5.59
N LEU A 10 -10.20 -0.86 -4.82
CA LEU A 10 -10.32 -0.82 -3.35
C LEU A 10 -10.84 0.54 -2.87
N LYS A 11 -10.35 1.60 -3.51
CA LYS A 11 -10.77 2.96 -3.24
C LYS A 11 -12.31 3.15 -3.39
N ARG A 12 -12.92 2.45 -4.31
CA ARG A 12 -14.36 2.58 -4.51
CA ARG A 12 -14.36 2.61 -4.47
C ARG A 12 -15.17 1.57 -3.69
N THR A 13 -14.52 0.51 -3.17
CA THR A 13 -15.26 -0.53 -2.44
C THR A 13 -15.07 -0.51 -0.91
N LEU A 14 -14.03 0.15 -0.42
CA LEU A 14 -13.78 0.28 1.02
C LEU A 14 -14.12 1.67 1.54
N THR A 15 -14.41 1.78 2.82
CA THR A 15 -14.51 3.08 3.45
C THR A 15 -13.12 3.71 3.52
N GLU A 16 -13.08 5.02 3.73
CA GLU A 16 -11.82 5.74 3.86
C GLU A 16 -10.92 5.13 4.93
N GLU A 17 -11.46 4.75 6.09
CA GLU A 17 -10.64 4.16 7.15
CA GLU A 17 -10.67 4.13 7.17
C GLU A 17 -10.17 2.77 6.75
N GLN A 18 -11.04 1.95 6.16
CA GLN A 18 -10.61 0.62 5.73
C GLN A 18 -9.47 0.69 4.68
N TYR A 19 -9.64 1.60 3.72
CA TYR A 19 -8.66 1.88 2.68
C TYR A 19 -7.37 2.34 3.26
N GLN A 20 -7.38 3.40 4.09
CA GLN A 20 -6.12 3.97 4.58
C GLN A 20 -5.35 2.97 5.42
N VAL A 21 -6.06 2.25 6.27
CA VAL A 21 -5.41 1.23 7.12
C VAL A 21 -4.90 0.06 6.31
N THR A 22 -5.74 -0.57 5.49
CA THR A 22 -5.29 -1.81 4.85
C THR A 22 -4.29 -1.55 3.71
N GLN A 23 -4.51 -0.45 2.96
CA GLN A 23 -3.72 -0.15 1.73
C GLN A 23 -2.54 0.79 1.99
N ASN A 24 -2.68 1.72 2.95
CA ASN A 24 -1.58 2.60 3.29
C ASN A 24 -0.98 2.37 4.67
N SER A 25 -1.40 1.30 5.35
CA SER A 25 -0.90 0.96 6.68
C SER A 25 -1.04 2.13 7.67
N ALA A 26 -2.09 2.93 7.55
CA ALA A 26 -2.37 4.02 8.50
C ALA A 26 -3.02 3.57 9.80
N THR A 27 -2.25 3.40 10.86
CA THR A 27 -2.79 3.02 12.17
C THR A 27 -3.95 3.89 12.66
N GLU A 28 -5.09 3.24 12.94
CA GLU A 28 -6.21 3.91 13.59
C GLU A 28 -5.83 4.36 15.02
N TYR A 29 -6.50 5.39 15.49
CA TYR A 29 -6.29 5.85 16.87
C TYR A 29 -6.65 4.73 17.85
N ALA A 30 -5.80 4.56 18.88
CA ALA A 30 -6.07 3.65 19.96
C ALA A 30 -7.44 3.98 20.51
N PHE A 31 -8.22 2.94 20.83
CA PHE A 31 -9.56 3.04 21.43
C PHE A 31 -10.64 3.56 20.50
N SER A 32 -10.33 3.73 19.20
CA SER A 32 -11.29 4.37 18.29
C SER A 32 -12.23 3.43 17.55
N HIS A 33 -11.90 2.14 17.43
CA HIS A 33 -12.79 1.27 16.69
C HIS A 33 -13.62 0.40 17.60
N GLU A 34 -14.86 0.12 17.21
N GLU A 34 -14.83 0.08 17.15
CA GLU A 34 -15.74 -0.70 18.03
CA GLU A 34 -15.82 -0.73 17.87
C GLU A 34 -15.14 -2.06 18.35
C GLU A 34 -15.37 -2.16 18.17
N TYR A 35 -14.40 -2.66 17.41
CA TYR A 35 -13.85 -3.98 17.65
C TYR A 35 -12.86 -4.04 18.82
N ASP A 36 -12.35 -2.91 19.25
CA ASP A 36 -11.57 -2.87 20.48
C ASP A 36 -12.40 -3.35 21.70
N HIS A 37 -13.71 -3.12 21.70
N HIS A 37 -13.71 -3.17 21.62
CA HIS A 37 -14.53 -3.52 22.84
CA HIS A 37 -14.62 -3.37 22.73
C HIS A 37 -15.57 -4.56 22.44
C HIS A 37 -15.44 -4.66 22.53
N LEU A 38 -15.34 -5.26 21.34
CA LEU A 38 -16.17 -6.38 20.95
C LEU A 38 -15.62 -7.73 21.38
N PHE A 39 -16.46 -8.48 22.10
CA PHE A 39 -16.05 -9.79 22.54
C PHE A 39 -17.18 -10.81 22.39
N LYS A 40 -17.76 -10.91 21.19
CA LYS A 40 -18.85 -11.85 20.89
C LYS A 40 -18.32 -13.01 20.06
N PRO A 41 -18.98 -14.19 20.10
CA PRO A 41 -18.47 -15.30 19.32
C PRO A 41 -18.66 -15.10 17.80
N GLY A 42 -17.60 -15.43 17.06
CA GLY A 42 -17.57 -15.19 15.62
C GLY A 42 -16.14 -15.19 15.14
N ILE A 43 -15.97 -14.76 13.89
CA ILE A 43 -14.66 -14.68 13.26
C ILE A 43 -14.44 -13.30 12.65
N TYR A 44 -13.17 -12.93 12.55
CA TYR A 44 -12.82 -11.65 11.95
C TYR A 44 -12.13 -11.98 10.63
N VAL A 45 -12.65 -11.36 9.57
CA VAL A 45 -12.21 -11.67 8.20
C VAL A 45 -11.59 -10.40 7.54
N ASP A 46 -10.74 -10.61 6.55
CA ASP A 46 -10.12 -9.51 5.78
C ASP A 46 -11.22 -8.72 5.09
N VAL A 47 -11.22 -7.40 5.24
CA VAL A 47 -12.24 -6.59 4.59
C VAL A 47 -12.18 -6.62 3.07
N VAL A 48 -11.04 -7.02 2.49
CA VAL A 48 -10.83 -7.01 1.05
C VAL A 48 -11.21 -8.34 0.44
N SER A 49 -10.59 -9.42 0.90
CA SER A 49 -10.86 -10.76 0.37
C SER A 49 -11.98 -11.53 1.10
N GLY A 50 -12.36 -11.12 2.31
CA GLY A 50 -13.24 -11.94 3.15
C GLY A 50 -12.59 -13.24 3.61
N GLU A 51 -11.28 -13.33 3.52
CA GLU A 51 -10.62 -14.49 4.05
C GLU A 51 -10.52 -14.43 5.61
N PRO A 52 -10.72 -15.59 6.26
CA PRO A 52 -10.71 -15.69 7.74
C PRO A 52 -9.36 -15.36 8.29
N LEU A 53 -9.34 -14.44 9.24
CA LEU A 53 -8.07 -14.10 9.82
C LEU A 53 -7.97 -14.46 11.31
N PHE A 54 -9.04 -14.17 12.07
CA PHE A 54 -8.97 -14.32 13.55
C PHE A 54 -10.22 -14.90 14.08
N SER A 55 -10.07 -15.73 15.12
CA SER A 55 -11.26 -16.24 15.85
C SER A 55 -11.55 -15.44 17.12
N SER A 56 -12.84 -15.25 17.42
CA SER A 56 -13.23 -14.68 18.74
C SER A 56 -12.55 -15.40 19.91
N ALA A 57 -12.17 -16.68 19.70
CA ALA A 57 -11.60 -17.55 20.75
C ALA A 57 -10.27 -17.06 21.19
N ASP A 58 -9.56 -16.41 20.24
CA ASP A 58 -8.21 -15.93 20.51
C ASP A 58 -8.13 -14.44 20.81
N LYS A 59 -9.28 -13.75 20.83
CA LYS A 59 -9.31 -12.32 21.03
C LYS A 59 -9.27 -12.03 22.54
N TYR A 60 -8.57 -10.97 22.95
CA TYR A 60 -8.42 -10.65 24.37
C TYR A 60 -8.18 -9.16 24.45
N ASP A 61 -8.37 -8.63 25.67
CA ASP A 61 -8.11 -7.21 25.89
C ASP A 61 -6.69 -7.10 26.39
N SER A 62 -5.83 -6.41 25.64
CA SER A 62 -4.47 -6.16 26.07
C SER A 62 -4.40 -4.79 26.74
N GLY A 63 -5.51 -4.05 26.71
CA GLY A 63 -5.54 -2.66 27.21
C GLY A 63 -4.83 -1.63 26.31
N SER A 64 -4.39 -2.06 25.12
CA SER A 64 -3.69 -1.15 24.18
C SER A 64 -4.64 -0.19 23.45
N GLY A 65 -5.91 -0.51 23.37
CA GLY A 65 -6.76 0.28 22.50
C GLY A 65 -6.97 -0.25 21.08
N TRP A 66 -6.30 -1.35 20.73
CA TRP A 66 -6.59 -2.04 19.47
C TRP A 66 -7.00 -3.47 19.70
N PRO A 67 -7.86 -4.00 18.83
CA PRO A 67 -8.10 -5.44 18.81
C PRO A 67 -6.80 -6.24 18.98
N SER A 68 -6.82 -7.21 19.88
CA SER A 68 -5.65 -8.00 20.21
C SER A 68 -6.03 -9.47 20.17
N PHE A 69 -5.13 -10.29 19.66
CA PHE A 69 -5.41 -11.71 19.48
C PHE A 69 -4.12 -12.42 19.80
N THR A 70 -4.22 -13.63 20.34
CA THR A 70 -3.03 -14.39 20.72
C THR A 70 -2.41 -15.10 19.50
N ARG A 71 -3.22 -15.29 18.48
CA ARG A 71 -2.78 -16.02 17.28
CA ARG A 71 -2.72 -15.90 17.26
C ARG A 71 -3.73 -15.73 16.14
N PRO A 72 -3.25 -15.88 14.87
CA PRO A 72 -4.23 -15.89 13.80
C PRO A 72 -4.94 -17.22 13.90
N ILE A 73 -6.09 -17.32 13.25
CA ILE A 73 -6.83 -18.54 13.12
C ILE A 73 -5.90 -19.72 12.64
N ASP A 74 -5.10 -19.49 11.59
CA ASP A 74 -3.94 -20.38 11.31
C ASP A 74 -2.75 -19.57 10.90
N ALA A 75 -1.54 -20.06 11.18
CA ALA A 75 -0.37 -19.37 10.71
C ALA A 75 -0.48 -18.99 9.19
N LYS A 76 -1.25 -19.77 8.42
CA LYS A 76 -1.36 -19.62 6.95
CA LYS A 76 -1.34 -19.60 6.97
C LYS A 76 -2.12 -18.36 6.57
N SER A 77 -2.91 -17.85 7.50
CA SER A 77 -3.84 -16.76 7.20
C SER A 77 -3.14 -15.43 7.07
N VAL A 78 -1.93 -15.29 7.58
CA VAL A 78 -1.31 -14.00 7.67
C VAL A 78 0.11 -14.11 7.14
N THR A 79 0.70 -12.97 6.84
CA THR A 79 2.10 -12.93 6.47
C THR A 79 2.78 -11.93 7.37
N GLU A 80 3.88 -12.32 7.99
CA GLU A 80 4.59 -11.45 8.89
C GLU A 80 5.94 -11.10 8.29
N HIS A 81 6.42 -9.88 8.54
CA HIS A 81 7.76 -9.49 8.12
C HIS A 81 8.30 -8.48 9.08
N ASP A 82 9.62 -8.40 9.17
CA ASP A 82 10.27 -7.37 9.96
C ASP A 82 10.21 -6.01 9.31
N ASP A 83 10.19 -5.01 10.17
CA ASP A 83 10.05 -3.64 9.79
C ASP A 83 10.94 -2.85 10.76
N PHE A 84 11.88 -2.08 10.22
CA PHE A 84 12.82 -1.30 11.05
C PHE A 84 12.61 0.20 10.88
N SER A 85 11.43 0.58 10.40
CA SER A 85 11.10 2.00 10.23
C SER A 85 10.71 2.66 11.55
N TYR A 86 10.56 3.98 11.53
CA TYR A 86 10.20 4.76 12.73
C TYR A 86 11.19 4.49 13.87
N ASN A 87 12.39 4.02 13.51
CA ASN A 87 13.47 3.61 14.44
C ASN A 87 13.10 2.54 15.47
N MET A 88 12.58 1.41 14.98
CA MET A 88 12.12 0.32 15.85
C MET A 88 12.34 -1.00 15.14
N ARG A 89 12.52 -2.09 15.90
CA ARG A 89 12.39 -3.43 15.33
C ARG A 89 10.96 -3.94 15.59
N ARG A 90 10.14 -4.01 14.52
CA ARG A 90 8.77 -4.47 14.65
C ARG A 90 8.48 -5.59 13.66
N THR A 91 7.43 -6.36 13.91
CA THR A 91 6.99 -7.40 12.99
C THR A 91 5.61 -6.99 12.53
N GLU A 92 5.47 -6.69 11.24
CA GLU A 92 4.20 -6.31 10.67
C GLU A 92 3.43 -7.55 10.31
N VAL A 93 2.10 -7.48 10.42
CA VAL A 93 1.24 -8.60 10.06
C VAL A 93 0.31 -8.18 8.94
N ARG A 94 0.17 -9.01 7.92
CA ARG A 94 -0.75 -8.70 6.83
C ARG A 94 -1.57 -9.91 6.51
N SER A 95 -2.70 -9.77 5.84
CA SER A 95 -3.44 -10.93 5.50
C SER A 95 -2.73 -11.66 4.35
N HIS A 96 -2.97 -12.98 4.25
CA HIS A 96 -2.27 -13.74 3.29
C HIS A 96 -2.69 -13.42 1.82
N ALA A 97 -3.94 -13.72 1.49
CA ALA A 97 -4.47 -13.60 0.13
C ALA A 97 -4.50 -12.15 -0.38
N ALA A 98 -5.11 -11.23 0.36
CA ALA A 98 -5.29 -9.86 -0.10
C ALA A 98 -4.13 -8.98 0.26
N ASP A 99 -3.23 -9.48 1.10
CA ASP A 99 -2.06 -8.73 1.55
C ASP A 99 -2.41 -7.35 2.17
N SER A 100 -3.58 -7.26 2.84
CA SER A 100 -3.96 -6.06 3.61
C SER A 100 -3.04 -5.86 4.80
N HIS A 101 -2.67 -4.63 5.12
CA HIS A 101 -2.00 -4.32 6.38
C HIS A 101 -3.06 -4.59 7.50
N LEU A 102 -2.64 -5.31 8.52
CA LEU A 102 -3.56 -5.67 9.65
C LEU A 102 -3.06 -4.99 10.87
N GLY A 103 -1.76 -5.09 11.16
CA GLY A 103 -1.19 -4.43 12.33
C GLY A 103 0.17 -4.99 12.54
N HIS A 104 0.52 -5.28 13.79
CA HIS A 104 1.87 -5.76 14.16
C HIS A 104 1.71 -6.86 15.24
N VAL A 105 2.72 -7.70 15.38
CA VAL A 105 2.73 -8.73 16.40
C VAL A 105 3.90 -8.49 17.34
N PHE A 106 3.62 -8.57 18.66
CA PHE A 106 4.60 -8.31 19.72
C PHE A 106 4.81 -9.52 20.64
N PRO A 107 6.02 -9.66 21.22
CA PRO A 107 6.25 -10.80 22.11
C PRO A 107 5.85 -10.50 23.60
N ASP A 108 4.72 -9.81 23.80
CA ASP A 108 4.26 -9.43 25.12
C ASP A 108 2.81 -9.88 25.29
N GLY A 109 2.42 -10.95 24.60
CA GLY A 109 1.09 -11.49 24.77
C GLY A 109 1.03 -12.42 25.98
N PRO A 110 -0.19 -12.85 26.37
CA PRO A 110 -0.31 -13.74 27.55
C PRO A 110 0.45 -15.07 27.38
N ARG A 111 1.41 -15.35 28.26
CA ARG A 111 2.25 -16.56 28.11
C ARG A 111 1.49 -17.90 28.12
N ASP A 112 0.38 -18.00 28.84
CA ASP A 112 -0.39 -19.24 28.80
C ASP A 112 -0.99 -19.52 27.42
N LYS A 113 -1.04 -18.50 26.57
CA LYS A 113 -1.60 -18.64 25.20
C LYS A 113 -0.54 -18.48 24.08
N GLY A 114 0.74 -18.45 24.46
CA GLY A 114 1.82 -18.50 23.49
C GLY A 114 2.73 -17.32 23.55
N GLY A 115 2.34 -16.29 24.28
CA GLY A 115 3.26 -15.18 24.46
C GLY A 115 3.24 -14.09 23.39
N LEU A 116 2.38 -14.22 22.38
CA LEU A 116 2.25 -13.21 21.28
C LEU A 116 0.99 -12.34 21.37
N ARG A 117 1.17 -11.07 21.08
CA ARG A 117 0.09 -10.15 20.94
C ARG A 117 0.04 -9.70 19.46
N TYR A 118 -1.00 -10.13 18.77
CA TYR A 118 -1.35 -9.61 17.44
C TYR A 118 -2.20 -8.37 17.66
N SER A 119 -1.62 -7.22 17.38
CA SER A 119 -2.25 -5.94 17.62
C SER A 119 -2.77 -5.46 16.27
N ILE A 120 -4.09 -5.49 16.09
CA ILE A 120 -4.72 -5.41 14.78
C ILE A 120 -5.65 -4.23 14.77
N ASN A 121 -5.60 -3.44 13.71
CA ASN A 121 -6.57 -2.38 13.53
C ASN A 121 -7.93 -2.96 13.30
N GLY A 122 -8.92 -2.44 14.02
CA GLY A 122 -10.27 -2.89 13.85
C GLY A 122 -10.67 -2.60 12.41
N ALA A 123 -10.17 -1.49 11.83
CA ALA A 123 -10.56 -1.07 10.46
C ALA A 123 -10.13 -2.09 9.39
N SER A 124 -9.16 -2.92 9.70
CA SER A 124 -8.72 -3.94 8.75
C SER A 124 -9.59 -5.22 8.78
N LEU A 125 -10.62 -5.23 9.64
CA LEU A 125 -11.40 -6.47 9.89
C LEU A 125 -12.85 -6.33 9.60
N LYS A 126 -13.48 -7.44 9.24
CA LYS A 126 -14.91 -7.48 9.26
C LYS A 126 -15.35 -8.62 10.23
N PHE A 127 -16.17 -8.29 11.22
CA PHE A 127 -16.63 -9.31 12.16
C PHE A 127 -17.79 -10.08 11.52
N ILE A 128 -17.70 -11.40 11.47
CA ILE A 128 -18.88 -12.22 11.14
C ILE A 128 -19.40 -12.97 12.42
N PRO A 129 -20.55 -12.56 12.99
CA PRO A 129 -21.14 -13.31 14.15
C PRO A 129 -21.18 -14.82 13.93
N LEU A 130 -21.08 -15.60 15.01
CA LEU A 130 -21.30 -17.05 14.99
C LEU A 130 -22.51 -17.43 14.14
N GLU A 131 -23.61 -16.69 14.29
CA GLU A 131 -24.85 -17.13 13.70
C GLU A 131 -24.85 -16.98 12.17
N GLN A 132 -24.13 -15.96 11.67
CA GLN A 132 -24.11 -15.67 10.23
C GLN A 132 -23.04 -16.41 9.49
N MET A 133 -22.23 -17.18 10.21
CA MET A 133 -21.10 -17.86 9.58
C MET A 133 -21.47 -18.90 8.52
N ASP A 134 -22.70 -19.42 8.62
CA ASP A 134 -23.20 -20.43 7.66
C ASP A 134 -23.63 -19.74 6.37
N ALA A 135 -24.57 -18.78 6.50
CA ALA A 135 -25.10 -17.89 5.47
C ALA A 135 -24.09 -17.06 4.65
N ALA A 136 -22.82 -17.05 5.07
CA ALA A 136 -21.84 -16.16 4.49
C ALA A 136 -20.69 -17.02 4.02
N GLY A 137 -20.77 -18.32 4.30
CA GLY A 137 -19.85 -19.25 3.70
C GLY A 137 -18.75 -19.76 4.57
N TYR A 138 -18.81 -19.48 5.88
CA TYR A 138 -17.74 -19.91 6.80
C TYR A 138 -18.13 -21.04 7.77
N GLY A 139 -19.18 -21.79 7.40
CA GLY A 139 -19.61 -22.99 8.14
C GLY A 139 -18.49 -23.83 8.71
N ALA A 140 -17.47 -24.11 7.91
CA ALA A 140 -16.44 -25.07 8.30
C ALA A 140 -15.49 -24.61 9.39
N LEU A 141 -15.70 -23.37 9.87
CA LEU A 141 -14.82 -22.78 10.91
C LEU A 141 -15.59 -22.44 12.18
N LYS A 142 -16.92 -22.64 12.15
CA LYS A 142 -17.81 -22.55 13.31
C LYS A 142 -17.23 -23.18 14.58
N SER A 143 -16.28 -24.10 14.41
CA SER A 143 -15.65 -24.82 15.51
C SER A 143 -14.33 -24.23 15.97
N LYS A 144 -13.89 -23.13 15.36
CA LYS A 144 -12.71 -22.41 15.86
C LYS A 144 -13.18 -21.34 16.83
N VAL A 145 -14.50 -21.15 16.89
CA VAL A 145 -15.15 -20.07 17.60
C VAL A 145 -15.55 -20.42 19.08
N LYS A 146 -15.12 -19.54 20.00
CA LYS A 146 -15.52 -19.50 21.43
C LYS A 146 -16.21 -18.16 21.76
N TYR B 2 0.56 -8.50 -15.37
CA TYR B 2 1.52 -8.38 -14.22
C TYR B 2 0.71 -8.19 -12.93
N LYS B 3 1.07 -8.90 -11.87
CA LYS B 3 0.61 -8.49 -10.54
C LYS B 3 1.83 -8.30 -9.66
N LYS B 4 1.91 -7.14 -9.00
CA LYS B 4 3.10 -6.76 -8.26
C LYS B 4 3.44 -7.80 -7.16
N PRO B 5 4.68 -7.78 -6.67
CA PRO B 5 5.06 -8.66 -5.56
C PRO B 5 4.33 -8.31 -4.26
N SER B 6 4.17 -9.31 -3.39
CA SER B 6 3.60 -9.10 -2.07
C SER B 6 4.40 -8.03 -1.31
N ASP B 7 3.76 -7.39 -0.34
CA ASP B 7 4.40 -6.33 0.43
C ASP B 7 5.71 -6.71 1.10
N ALA B 8 5.81 -7.94 1.62
CA ALA B 8 7.04 -8.39 2.33
C ALA B 8 8.26 -8.40 1.41
N GLU B 9 8.10 -8.86 0.18
CA GLU B 9 9.15 -8.76 -0.87
C GLU B 9 9.68 -7.31 -1.11
N LEU B 10 8.73 -6.37 -1.29
CA LEU B 10 9.03 -4.94 -1.48
C LEU B 10 9.72 -4.35 -0.28
N LYS B 11 9.28 -4.74 0.92
CA LYS B 11 9.90 -4.27 2.15
C LYS B 11 11.38 -4.68 2.20
N ARG B 12 11.67 -5.83 1.65
CA ARG B 12 13.05 -6.36 1.59
C ARG B 12 13.86 -5.63 0.50
N THR B 13 13.24 -5.35 -0.65
CA THR B 13 13.98 -4.88 -1.83
C THR B 13 14.06 -3.37 -2.05
N LEU B 14 13.12 -2.61 -1.48
CA LEU B 14 13.06 -1.15 -1.64
C LEU B 14 13.71 -0.45 -0.46
N THR B 15 14.18 0.78 -0.64
CA THR B 15 14.59 1.56 0.51
C THR B 15 13.35 1.98 1.29
N GLU B 16 13.55 2.45 2.52
CA GLU B 16 12.43 2.88 3.36
C GLU B 16 11.56 3.94 2.67
N GLU B 17 12.22 4.95 2.10
CA GLU B 17 11.54 5.99 1.31
C GLU B 17 10.79 5.42 0.11
N GLN B 18 11.44 4.59 -0.71
CA GLN B 18 10.73 3.99 -1.84
C GLN B 18 9.50 3.21 -1.39
N TYR B 19 9.67 2.42 -0.32
CA TYR B 19 8.60 1.56 0.19
C TYR B 19 7.45 2.43 0.72
N GLN B 20 7.75 3.43 1.56
CA GLN B 20 6.68 4.17 2.18
C GLN B 20 5.93 4.98 1.13
N VAL B 21 6.66 5.56 0.19
CA VAL B 21 5.97 6.28 -0.86
C VAL B 21 5.13 5.38 -1.76
N THR B 22 5.73 4.35 -2.35
CA THR B 22 4.99 3.59 -3.35
C THR B 22 3.91 2.69 -2.76
N GLN B 23 4.19 2.13 -1.59
CA GLN B 23 3.27 1.10 -0.99
C GLN B 23 2.31 1.72 0.03
N ASN B 24 2.78 2.72 0.77
CA ASN B 24 1.90 3.44 1.70
C ASN B 24 1.47 4.87 1.32
N SER B 25 1.78 5.29 0.08
CA SER B 25 1.35 6.58 -0.46
C SER B 25 1.80 7.74 0.41
N ALA B 26 2.92 7.59 1.09
CA ALA B 26 3.53 8.71 1.79
C ALA B 26 4.05 9.71 0.74
N THR B 27 4.14 10.97 1.08
CA THR B 27 4.52 11.96 0.10
C THR B 27 5.79 12.41 0.69
N GLU B 28 6.87 12.41 -0.11
CA GLU B 28 8.16 12.87 0.37
C GLU B 28 8.11 14.40 0.59
N TYR B 29 9.03 14.95 1.38
CA TYR B 29 9.05 16.41 1.60
C TYR B 29 9.36 17.09 0.27
N ALA B 30 8.67 18.19 -0.02
CA ALA B 30 8.96 19.03 -1.17
C ALA B 30 10.42 19.41 -1.12
N PHE B 31 11.07 19.44 -2.29
CA PHE B 31 12.49 19.76 -2.46
C PHE B 31 13.48 18.76 -1.87
N SER B 32 13.02 17.62 -1.33
CA SER B 32 13.95 16.66 -0.71
C SER B 32 14.65 15.66 -1.64
N HIS B 33 14.07 15.36 -2.81
CA HIS B 33 14.61 14.29 -3.63
C HIS B 33 15.47 14.83 -4.78
N GLU B 34 16.60 14.21 -5.05
N GLU B 34 16.61 14.17 -5.01
CA GLU B 34 17.48 14.69 -6.13
CA GLU B 34 17.51 14.43 -6.17
C GLU B 34 16.82 14.76 -7.51
C GLU B 34 16.75 14.80 -7.42
N TYR B 35 15.72 14.01 -7.74
CA TYR B 35 15.01 14.09 -9.05
C TYR B 35 14.24 15.40 -9.19
N ASP B 36 13.95 16.06 -8.08
CA ASP B 36 13.39 17.42 -8.13
C ASP B 36 14.30 18.35 -8.97
N HIS B 37 15.61 18.14 -8.93
CA HIS B 37 16.45 19.03 -9.71
C HIS B 37 17.21 18.40 -10.83
N LEU B 38 16.76 17.21 -11.22
CA LEU B 38 17.38 16.50 -12.32
C LEU B 38 16.70 16.81 -13.64
N PHE B 39 17.47 17.23 -14.63
CA PHE B 39 16.91 17.49 -15.96
C PHE B 39 17.88 17.00 -17.02
N LYS B 40 18.20 15.71 -16.95
CA LYS B 40 19.09 15.03 -17.91
C LYS B 40 18.22 14.11 -18.77
N PRO B 41 18.65 13.86 -20.02
CA PRO B 41 17.95 12.96 -20.93
C PRO B 41 17.93 11.53 -20.40
N GLY B 42 16.74 10.92 -20.36
CA GLY B 42 16.65 9.54 -19.94
C GLY B 42 15.19 9.28 -19.64
N ILE B 43 14.93 8.17 -18.98
CA ILE B 43 13.54 7.85 -18.63
C ILE B 43 13.43 7.53 -17.16
N TYR B 44 12.22 7.64 -16.62
CA TYR B 44 11.96 7.34 -15.19
C TYR B 44 11.02 6.14 -15.17
N VAL B 45 11.40 5.13 -14.41
CA VAL B 45 10.74 3.82 -14.45
C VAL B 45 10.26 3.52 -13.04
N ASP B 46 9.34 2.57 -12.97
CA ASP B 46 8.76 2.21 -11.71
C ASP B 46 9.84 1.47 -10.88
N VAL B 47 10.06 1.86 -9.64
CA VAL B 47 11.05 1.18 -8.77
C VAL B 47 10.73 -0.28 -8.42
N VAL B 48 9.48 -0.70 -8.60
CA VAL B 48 9.08 -2.07 -8.33
C VAL B 48 9.14 -2.92 -9.59
N SER B 49 8.42 -2.52 -10.63
CA SER B 49 8.35 -3.35 -11.84
C SER B 49 9.41 -2.98 -12.91
N GLY B 50 10.03 -1.82 -12.79
CA GLY B 50 10.84 -1.33 -13.89
C GLY B 50 10.05 -0.88 -15.10
N GLU B 51 8.73 -0.84 -15.02
CA GLU B 51 7.94 -0.38 -16.20
C GLU B 51 8.21 1.14 -16.44
N PRO B 52 8.36 1.57 -17.70
CA PRO B 52 8.61 2.99 -18.05
C PRO B 52 7.41 3.81 -17.67
N LEU B 53 7.63 4.92 -17.01
CA LEU B 53 6.58 5.79 -16.53
C LEU B 53 6.62 7.17 -17.16
N PHE B 54 7.81 7.80 -17.18
CA PHE B 54 7.92 9.19 -17.66
C PHE B 54 9.20 9.36 -18.47
N SER B 55 9.12 10.25 -19.46
CA SER B 55 10.28 10.64 -20.24
C SER B 55 10.83 11.95 -19.71
N SER B 56 12.17 12.07 -19.73
CA SER B 56 12.79 13.37 -19.43
C SER B 56 12.27 14.46 -20.37
N ALA B 57 11.81 14.09 -21.56
CA ALA B 57 11.31 15.07 -22.54
C ALA B 57 10.05 15.78 -22.05
N ASP B 58 9.30 15.15 -21.13
CA ASP B 58 8.08 15.76 -20.55
C ASP B 58 8.25 16.30 -19.16
N LYS B 59 9.48 16.30 -18.64
CA LYS B 59 9.71 16.77 -17.31
C LYS B 59 9.92 18.28 -17.29
N TYR B 60 9.42 18.98 -16.27
CA TYR B 60 9.62 20.39 -16.23
C TYR B 60 9.64 20.77 -14.78
N ASP B 61 10.13 21.96 -14.48
CA ASP B 61 10.06 22.45 -13.12
C ASP B 61 8.78 23.21 -12.96
N SER B 62 7.97 22.80 -11.97
CA SER B 62 6.72 23.52 -11.70
C SER B 62 6.90 24.42 -10.50
N GLY B 63 8.08 24.37 -9.88
CA GLY B 63 8.34 25.10 -8.61
C GLY B 63 7.71 24.51 -7.35
N SER B 64 7.09 23.32 -7.46
CA SER B 64 6.38 22.70 -6.34
C SER B 64 7.34 22.01 -5.37
N GLY B 65 8.49 21.59 -5.84
CA GLY B 65 9.40 20.80 -5.04
C GLY B 65 9.34 19.29 -5.27
N TRP B 66 8.44 18.86 -6.16
CA TRP B 66 8.42 17.46 -6.64
C TRP B 66 8.66 17.38 -8.13
N PRO B 67 9.33 16.30 -8.61
CA PRO B 67 9.36 15.99 -10.06
C PRO B 67 7.99 16.24 -10.71
N SER B 68 7.98 16.93 -11.85
CA SER B 68 6.73 17.29 -12.52
C SER B 68 6.86 16.93 -13.96
N PHE B 69 5.77 16.41 -14.53
CA PHE B 69 5.77 15.97 -15.92
C PHE B 69 4.44 16.40 -16.51
N THR B 70 4.41 16.66 -17.82
CA THR B 70 3.19 17.11 -18.47
C THR B 70 2.35 15.90 -18.92
N ARG B 71 2.99 14.74 -18.96
CA ARG B 71 2.33 13.52 -19.40
CA ARG B 71 2.33 13.52 -19.40
C ARG B 71 3.17 12.31 -19.02
N PRO B 72 2.49 11.11 -18.88
CA PRO B 72 3.26 9.83 -18.74
C PRO B 72 3.85 9.49 -20.09
N ILE B 73 4.82 8.59 -20.13
CA ILE B 73 5.47 8.21 -21.37
C ILE B 73 4.52 7.51 -22.34
N ASP B 74 3.44 6.92 -21.80
CA ASP B 74 2.36 6.30 -22.61
C ASP B 74 1.08 6.37 -21.76
N ALA B 75 -0.07 6.57 -22.39
CA ALA B 75 -1.34 6.56 -21.67
C ALA B 75 -1.53 5.26 -20.86
N LYS B 76 -0.95 4.16 -21.29
CA LYS B 76 -1.21 3.02 -20.48
C LYS B 76 -0.18 2.71 -19.39
N SER B 77 0.75 3.62 -19.15
CA SER B 77 1.79 3.44 -18.12
C SER B 77 1.33 3.70 -16.71
N VAL B 78 0.31 4.56 -16.59
CA VAL B 78 -0.14 5.03 -15.29
C VAL B 78 -1.65 4.91 -15.24
N THR B 79 -2.21 4.88 -14.03
CA THR B 79 -3.66 4.95 -13.92
C THR B 79 -3.94 6.15 -13.06
N GLU B 80 -5.06 6.80 -13.32
CA GLU B 80 -5.43 7.99 -12.64
C GLU B 80 -6.82 7.77 -12.03
N HIS B 81 -6.95 8.06 -10.74
CA HIS B 81 -8.21 7.83 -10.03
C HIS B 81 -8.53 8.95 -9.07
N ASP B 82 -9.79 9.35 -8.99
CA ASP B 82 -10.22 10.27 -7.92
C ASP B 82 -10.07 9.79 -6.46
N ASP B 83 -9.77 10.75 -5.58
CA ASP B 83 -9.38 10.48 -4.20
C ASP B 83 -9.93 11.63 -3.35
N PHE B 84 -10.94 11.36 -2.53
CA PHE B 84 -11.48 12.35 -1.60
C PHE B 84 -11.06 11.97 -0.16
N SER B 85 -9.80 12.23 0.20
CA SER B 85 -9.25 11.72 1.48
C SER B 85 -9.07 12.78 2.58
N ARG B 89 -10.42 16.42 -2.73
CA ARG B 89 -10.65 16.19 -4.16
C ARG B 89 -9.36 16.27 -5.04
N ARG B 90 -8.67 15.12 -5.12
CA ARG B 90 -7.44 14.99 -5.89
C ARG B 90 -7.55 13.81 -6.86
N THR B 91 -6.70 13.79 -7.89
CA THR B 91 -6.63 12.66 -8.82
C THR B 91 -5.27 12.00 -8.56
N GLU B 92 -5.29 10.76 -8.06
CA GLU B 92 -4.06 10.05 -7.71
C GLU B 92 -3.51 9.36 -8.92
N VAL B 93 -2.20 9.34 -9.06
CA VAL B 93 -1.56 8.65 -10.18
C VAL B 93 -0.77 7.44 -9.66
N ARG B 94 -0.95 6.30 -10.29
CA ARG B 94 -0.23 5.09 -9.85
C ARG B 94 0.31 4.42 -11.07
N SER B 95 1.36 3.60 -10.93
CA SER B 95 1.84 2.90 -12.12
C SER B 95 0.84 1.81 -12.48
N HIS B 96 0.78 1.47 -13.75
CA HIS B 96 -0.18 0.52 -14.24
C HIS B 96 0.10 -0.91 -13.76
N ALA B 97 1.29 -1.44 -14.01
CA ALA B 97 1.59 -2.87 -13.77
C ALA B 97 1.81 -3.15 -12.30
N ALA B 98 2.64 -2.36 -11.64
CA ALA B 98 2.94 -2.60 -10.22
C ALA B 98 1.95 -1.95 -9.24
N ASP B 99 1.16 -1.01 -9.71
CA ASP B 99 0.22 -0.23 -8.86
C ASP B 99 0.94 0.51 -7.75
N SER B 100 2.12 1.03 -8.06
CA SER B 100 2.86 1.84 -7.08
C SER B 100 2.16 3.21 -6.99
N HIS B 101 2.06 3.82 -5.82
CA HIS B 101 1.63 5.21 -5.74
C HIS B 101 2.79 6.05 -6.31
N LEU B 102 2.48 6.97 -7.23
CA LEU B 102 3.48 7.85 -7.84
C LEU B 102 3.26 9.25 -7.35
N GLY B 103 2.02 9.74 -7.43
CA GLY B 103 1.72 11.07 -6.88
C GLY B 103 0.33 11.45 -7.29
N HIS B 104 0.17 12.69 -7.78
CA HIS B 104 -1.17 13.22 -8.15
C HIS B 104 -1.03 14.04 -9.45
N VAL B 105 -2.12 14.16 -10.18
CA VAL B 105 -2.17 14.96 -11.39
C VAL B 105 -3.18 16.13 -11.15
N PHE B 106 -2.73 17.35 -11.50
CA PHE B 106 -3.48 18.58 -11.35
C PHE B 106 -3.67 19.25 -12.71
N PRO B 107 -4.79 20.00 -12.87
CA PRO B 107 -5.00 20.68 -14.12
C PRO B 107 -4.36 22.10 -14.13
N ASP B 108 -3.18 22.26 -13.53
CA ASP B 108 -2.46 23.51 -13.52
C ASP B 108 -1.07 23.37 -14.20
N GLY B 109 -0.98 22.50 -15.20
CA GLY B 109 0.27 22.35 -15.93
C GLY B 109 0.32 23.36 -17.08
N PRO B 110 1.52 23.53 -17.70
CA PRO B 110 1.62 24.53 -18.80
C PRO B 110 0.65 24.23 -19.94
N ARG B 111 -0.11 25.23 -20.38
CA ARG B 111 -1.19 24.99 -21.35
C ARG B 111 -0.66 24.63 -22.71
N ASP B 112 0.54 25.08 -23.06
CA ASP B 112 1.07 24.72 -24.38
C ASP B 112 1.42 23.21 -24.46
N LYS B 113 1.50 22.55 -23.31
CA LYS B 113 1.89 21.11 -23.27
C LYS B 113 0.71 20.22 -22.82
N GLY B 114 -0.50 20.77 -22.82
CA GLY B 114 -1.70 19.98 -22.55
C GLY B 114 -2.39 20.35 -21.26
N GLY B 115 -1.75 21.15 -20.42
CA GLY B 115 -2.41 21.64 -19.20
C GLY B 115 -2.35 20.75 -17.94
N LEU B 116 -1.72 19.58 -18.04
CA LEU B 116 -1.61 18.69 -16.85
C LEU B 116 -0.29 18.77 -16.14
N ARG B 117 -0.35 18.79 -14.81
CA ARG B 117 0.81 18.65 -14.00
C ARG B 117 0.78 17.25 -13.26
N TYR B 118 1.65 16.32 -13.68
CA TYR B 118 1.83 15.05 -12.94
C TYR B 118 2.88 15.36 -11.94
N SER B 119 2.46 15.40 -10.69
CA SER B 119 3.29 15.73 -9.59
C SER B 119 3.70 14.43 -8.89
N ILE B 120 4.98 14.09 -9.00
CA ILE B 120 5.41 12.71 -8.75
C ILE B 120 6.49 12.72 -7.71
N ASN B 121 6.39 11.85 -6.69
CA ASN B 121 7.48 11.70 -5.75
C ASN B 121 8.70 11.16 -6.44
N GLY B 122 9.83 11.80 -6.24
CA GLY B 122 11.08 11.24 -6.79
C GLY B 122 11.32 9.81 -6.30
N ALA B 123 10.90 9.51 -5.06
CA ALA B 123 11.17 8.23 -4.41
C ALA B 123 10.41 7.10 -5.12
N SER B 124 9.41 7.45 -5.91
CA SER B 124 8.67 6.42 -6.64
C SER B 124 9.30 6.08 -8.01
N LEU B 125 10.43 6.71 -8.30
CA LEU B 125 11.01 6.62 -9.64
C LEU B 125 12.43 6.13 -9.61
N LYS B 126 12.84 5.47 -10.68
CA LYS B 126 14.25 5.23 -10.92
C LYS B 126 14.66 5.81 -12.28
N PHE B 127 15.65 6.70 -12.26
CA PHE B 127 16.11 7.35 -13.50
C PHE B 127 17.08 6.47 -14.23
N ILE B 128 16.83 6.27 -15.52
CA ILE B 128 17.76 5.59 -16.41
CA ILE B 128 17.79 5.61 -16.38
C ILE B 128 18.31 6.63 -17.42
N PRO B 129 19.59 7.04 -17.29
CA PRO B 129 20.18 8.03 -18.23
C PRO B 129 20.07 7.51 -19.65
N LEU B 130 19.87 8.39 -20.61
CA LEU B 130 19.78 7.96 -22.01
C LEU B 130 20.94 7.04 -22.43
N GLU B 131 22.13 7.40 -21.97
CA GLU B 131 23.36 6.70 -22.38
C GLU B 131 23.49 5.34 -21.71
N GLN B 132 22.60 5.04 -20.75
CA GLN B 132 22.53 3.69 -20.19
C GLN B 132 21.25 2.93 -20.56
N MET B 133 20.38 3.51 -21.39
CA MET B 133 19.07 2.88 -21.69
C MET B 133 19.22 1.53 -22.38
N ASP B 134 20.10 1.45 -23.38
CA ASP B 134 20.38 0.13 -24.04
C ASP B 134 20.82 -0.95 -23.07
N ALA B 135 21.83 -0.66 -22.23
CA ALA B 135 22.35 -1.60 -21.26
C ALA B 135 21.31 -2.04 -20.26
N ALA B 136 20.41 -1.11 -19.88
CA ALA B 136 19.40 -1.41 -18.87
C ALA B 136 18.22 -2.19 -19.47
N GLY B 137 18.17 -2.34 -20.79
CA GLY B 137 17.08 -3.07 -21.46
C GLY B 137 15.95 -2.17 -21.98
N TYR B 138 16.17 -0.84 -22.01
CA TYR B 138 15.15 0.10 -22.50
C TYR B 138 15.53 0.77 -23.85
N GLY B 139 16.38 0.12 -24.63
CA GLY B 139 16.85 0.69 -25.92
C GLY B 139 15.72 1.12 -26.82
N ALA B 140 14.66 0.31 -26.89
CA ALA B 140 13.48 0.67 -27.69
C ALA B 140 12.78 1.97 -27.30
N LEU B 141 13.05 2.53 -26.13
CA LEU B 141 12.37 3.76 -25.76
C LEU B 141 13.22 5.03 -25.92
N LYS B 142 14.40 4.90 -26.49
CA LYS B 142 15.32 6.06 -26.66
C LYS B 142 14.67 7.18 -27.43
N SER B 143 13.84 6.83 -28.41
CA SER B 143 13.13 7.84 -29.20
CA SER B 143 13.14 7.84 -29.19
C SER B 143 12.07 8.61 -28.41
N LYS B 144 11.65 8.10 -27.25
CA LYS B 144 10.77 8.90 -26.38
C LYS B 144 11.51 10.01 -25.61
N VAL B 145 12.84 9.98 -25.68
CA VAL B 145 13.69 10.88 -24.91
C VAL B 145 14.13 12.04 -25.82
N LYS B 146 14.78 11.71 -26.93
CA LYS B 146 15.06 12.74 -27.94
CA LYS B 146 15.29 12.71 -27.89
C LYS B 146 15.33 12.06 -29.27
#